data_1KI9
#
_entry.id   1KI9
#
_cell.length_a   128.500
_cell.length_b   128.500
_cell.length_c   88.500
_cell.angle_alpha   90.00
_cell.angle_beta   90.00
_cell.angle_gamma   90.00
#
_symmetry.space_group_name_H-M   'P 4 21 2'
#
loop_
_entity.id
_entity.type
_entity.pdbx_description
1 polymer 'adenylate kinase'
2 water water
#
_entity_poly.entity_id   1
_entity_poly.type   'polypeptide(L)'
_entity_poly.pdbx_seq_one_letter_code
;MKNKLVVVTGVPGVGGTTITQKAMEKLSEEGINYKMVNFGTVMFEVAQEENLVEDRDQMRKLDPDTQKRIQKLAGRKIAE
MVKESPVVVDTHSTIKTPKGYLPGLPVWVLNELNPDIIIVVETSGDEILIRRLNDETRNRDLETTAGIEEHQIMNRAAAM
TYGVLTGATVKIIQNKNNLLDYAVEELISVLR
;
_entity_poly.pdbx_strand_id   A,B,C
#
# COMPACT_ATOMS: atom_id res chain seq x y z
N LYS A 2 27.11 -0.18 -0.08
CA LYS A 2 27.64 1.22 -0.03
C LYS A 2 27.15 1.97 -1.27
N ASN A 3 27.22 1.31 -2.43
CA ASN A 3 26.78 1.91 -3.69
C ASN A 3 25.26 2.00 -3.68
N LYS A 4 24.73 3.19 -3.93
CA LYS A 4 23.30 3.40 -3.93
C LYS A 4 22.56 2.53 -4.95
N LEU A 5 21.37 2.05 -4.58
CA LEU A 5 20.54 1.22 -5.46
C LEU A 5 19.15 1.85 -5.52
N VAL A 6 18.87 2.54 -6.61
CA VAL A 6 17.61 3.24 -6.83
C VAL A 6 16.79 2.62 -7.96
N VAL A 7 15.47 2.56 -7.78
CA VAL A 7 14.64 2.03 -8.84
C VAL A 7 13.72 3.17 -9.29
N VAL A 8 13.70 3.43 -10.59
CA VAL A 8 12.87 4.50 -11.13
C VAL A 8 11.64 3.94 -11.83
N THR A 9 10.50 4.60 -11.62
CA THR A 9 9.26 4.17 -12.19
C THR A 9 8.45 5.34 -12.76
N GLY A 10 7.33 4.98 -13.40
CA GLY A 10 6.45 5.96 -14.02
C GLY A 10 5.68 5.33 -15.17
N VAL A 11 4.47 5.82 -15.44
CA VAL A 11 3.69 5.23 -16.53
C VAL A 11 4.31 5.58 -17.87
N PRO A 12 4.18 4.69 -18.85
CA PRO A 12 4.75 4.93 -20.19
C PRO A 12 4.40 6.30 -20.76
N GLY A 13 5.43 7.09 -21.07
CA GLY A 13 5.19 8.41 -21.63
C GLY A 13 5.61 9.54 -20.71
N VAL A 14 5.82 9.23 -19.43
CA VAL A 14 6.24 10.22 -18.45
C VAL A 14 7.68 10.67 -18.70
N GLY A 15 8.40 9.87 -19.47
CA GLY A 15 9.79 10.20 -19.76
C GLY A 15 10.60 9.95 -18.52
N GLY A 16 10.24 8.87 -17.80
CA GLY A 16 10.95 8.53 -16.58
C GLY A 16 12.38 8.11 -16.89
N THR A 17 12.54 7.26 -17.91
CA THR A 17 13.87 6.83 -18.30
C THR A 17 14.66 8.04 -18.75
N THR A 18 13.96 8.92 -19.48
CA THR A 18 14.53 10.14 -20.05
C THR A 18 15.19 11.05 -19.02
N ILE A 19 14.47 11.39 -17.96
CA ILE A 19 15.08 12.27 -16.97
C ILE A 19 16.23 11.55 -16.26
N THR A 20 16.15 10.22 -16.20
CA THR A 20 17.20 9.46 -15.56
C THR A 20 18.50 9.53 -16.36
N GLN A 21 18.37 9.50 -17.68
CA GLN A 21 19.52 9.57 -18.57
C GLN A 21 20.17 10.96 -18.48
N LYS A 22 19.34 12.01 -18.53
CA LYS A 22 19.84 13.38 -18.43
C LYS A 22 20.53 13.54 -17.09
N ALA A 23 20.04 12.82 -16.09
CA ALA A 23 20.59 12.87 -14.74
C ALA A 23 21.91 12.10 -14.61
N MET A 24 22.06 11.04 -15.38
CA MET A 24 23.29 10.26 -15.32
C MET A 24 24.43 10.99 -16.03
N GLU A 25 24.10 11.67 -17.13
CA GLU A 25 25.10 12.42 -17.88
C GLU A 25 25.76 13.43 -16.96
N LYS A 26 24.94 14.14 -16.20
CA LYS A 26 25.40 15.16 -15.27
C LYS A 26 26.20 14.57 -14.10
N LEU A 27 25.65 13.57 -13.42
CA LEU A 27 26.33 12.94 -12.29
C LEU A 27 27.62 12.29 -12.72
N SER A 28 27.71 11.97 -14.01
CA SER A 28 28.91 11.34 -14.53
C SER A 28 30.04 12.38 -14.59
N GLU A 29 29.75 13.53 -15.17
CA GLU A 29 30.76 14.59 -15.28
C GLU A 29 31.03 15.18 -13.89
N GLU A 30 30.55 14.48 -12.87
CA GLU A 30 30.74 14.90 -11.49
C GLU A 30 31.38 13.75 -10.71
N GLY A 31 31.78 12.70 -11.44
CA GLY A 31 32.42 11.55 -10.82
C GLY A 31 31.54 10.36 -10.51
N ILE A 32 30.32 10.60 -10.03
CA ILE A 32 29.39 9.53 -9.69
C ILE A 32 28.86 8.84 -10.94
N ASN A 33 29.14 7.55 -11.06
CA ASN A 33 28.70 6.81 -12.24
C ASN A 33 27.74 5.67 -11.95
N TYR A 34 26.48 5.88 -12.29
CA TYR A 34 25.43 4.90 -12.11
C TYR A 34 25.34 4.02 -13.34
N LYS A 35 24.86 2.80 -13.17
CA LYS A 35 24.69 1.89 -14.29
C LYS A 35 23.18 1.72 -14.37
N MET A 36 22.59 2.11 -15.49
CA MET A 36 21.14 1.96 -15.61
C MET A 36 20.79 0.59 -16.17
N VAL A 37 19.67 0.06 -15.74
CA VAL A 37 19.27 -1.25 -16.21
C VAL A 37 17.76 -1.43 -16.09
N ASN A 38 17.16 -2.02 -17.11
CA ASN A 38 15.73 -2.28 -17.14
C ASN A 38 15.52 -3.66 -16.51
N PHE A 39 14.61 -3.77 -15.55
CA PHE A 39 14.38 -5.05 -14.89
C PHE A 39 13.89 -6.09 -15.88
N GLY A 40 13.17 -5.61 -16.89
CA GLY A 40 12.66 -6.51 -17.90
C GLY A 40 13.79 -7.13 -18.69
N THR A 41 14.80 -6.32 -19.00
CA THR A 41 15.93 -6.82 -19.77
C THR A 41 16.69 -7.83 -18.95
N VAL A 42 17.01 -7.49 -17.69
CA VAL A 42 17.75 -8.39 -16.81
C VAL A 42 17.03 -9.72 -16.76
N MET A 43 15.72 -9.68 -16.57
CA MET A 43 14.96 -10.92 -16.51
C MET A 43 15.20 -11.72 -17.79
N PHE A 44 15.01 -11.07 -18.93
CA PHE A 44 15.20 -11.70 -20.24
C PHE A 44 16.63 -12.20 -20.35
N GLU A 45 17.56 -11.42 -19.83
CA GLU A 45 18.97 -11.81 -19.88
C GLU A 45 19.18 -13.09 -19.11
N VAL A 46 18.60 -13.21 -17.93
CA VAL A 46 18.77 -14.44 -17.18
C VAL A 46 18.15 -15.57 -17.98
N ALA A 47 16.91 -15.38 -18.41
CA ALA A 47 16.18 -16.38 -19.18
C ALA A 47 16.87 -16.82 -20.47
N GLN A 48 17.54 -15.90 -21.16
CA GLN A 48 18.20 -16.28 -22.40
C GLN A 48 19.55 -16.92 -22.14
N GLU A 49 19.81 -17.23 -20.88
CA GLU A 49 21.06 -17.88 -20.50
C GLU A 49 20.71 -19.24 -19.93
N GLU A 50 19.48 -19.35 -19.44
CA GLU A 50 18.97 -20.59 -18.88
C GLU A 50 18.47 -21.44 -20.03
N ASN A 51 18.55 -20.88 -21.24
CA ASN A 51 18.10 -21.55 -22.46
C ASN A 51 16.57 -21.69 -22.47
N LEU A 52 15.92 -21.08 -21.49
CA LEU A 52 14.46 -21.12 -21.38
C LEU A 52 13.84 -20.26 -22.48
N VAL A 53 14.56 -19.19 -22.84
CA VAL A 53 14.10 -18.27 -23.86
C VAL A 53 15.24 -17.82 -24.77
N GLU A 54 14.88 -17.43 -25.99
CA GLU A 54 15.84 -16.98 -26.97
C GLU A 54 15.34 -15.73 -27.69
N ASP A 55 14.14 -15.28 -27.30
CA ASP A 55 13.52 -14.09 -27.88
C ASP A 55 12.70 -13.35 -26.83
N ARG A 56 12.85 -12.03 -26.80
CA ARG A 56 12.13 -11.17 -25.85
C ARG A 56 10.65 -11.51 -25.72
N ASP A 57 10.06 -12.05 -26.78
CA ASP A 57 8.64 -12.40 -26.77
C ASP A 57 8.34 -13.71 -26.06
N GLN A 58 9.29 -14.62 -26.07
CA GLN A 58 9.08 -15.91 -25.42
C GLN A 58 8.92 -15.75 -23.91
N MET A 59 9.33 -14.60 -23.39
CA MET A 59 9.23 -14.33 -21.96
C MET A 59 7.77 -14.37 -21.54
N ARG A 60 6.91 -13.74 -22.36
CA ARG A 60 5.49 -13.69 -22.09
C ARG A 60 4.92 -15.10 -21.92
N LYS A 61 5.29 -16.01 -22.82
CA LYS A 61 4.80 -17.38 -22.80
C LYS A 61 5.36 -18.20 -21.63
N LEU A 62 6.43 -17.69 -21.03
CA LEU A 62 7.09 -18.37 -19.92
C LEU A 62 6.18 -18.76 -18.75
N ASP A 63 6.39 -19.98 -18.27
CA ASP A 63 5.67 -20.57 -17.14
C ASP A 63 5.42 -19.54 -16.03
N PRO A 64 4.29 -19.65 -15.31
CA PRO A 64 3.97 -18.71 -14.23
C PRO A 64 4.80 -18.88 -12.96
N ASP A 65 5.21 -20.11 -12.68
CA ASP A 65 6.02 -20.38 -11.49
C ASP A 65 7.47 -20.09 -11.83
N THR A 66 7.85 -20.44 -13.05
CA THR A 66 9.22 -20.22 -13.52
C THR A 66 9.46 -18.71 -13.65
N GLN A 67 8.40 -17.97 -13.97
CA GLN A 67 8.50 -16.52 -14.13
C GLN A 67 9.03 -15.90 -12.83
N LYS A 68 8.61 -16.48 -11.70
CA LYS A 68 9.01 -16.03 -10.38
C LYS A 68 10.47 -16.33 -10.09
N ARG A 69 10.91 -17.51 -10.49
CA ARG A 69 12.29 -17.93 -10.29
C ARG A 69 13.25 -16.99 -11.02
N ILE A 70 12.82 -16.47 -12.17
CA ILE A 70 13.64 -15.56 -12.96
C ILE A 70 13.65 -14.19 -12.29
N GLN A 71 12.53 -13.79 -11.70
CA GLN A 71 12.48 -12.50 -11.02
C GLN A 71 13.45 -12.51 -9.84
N LYS A 72 13.53 -13.64 -9.14
CA LYS A 72 14.44 -13.74 -8.00
C LYS A 72 15.87 -13.59 -8.55
N LEU A 73 16.21 -14.48 -9.48
CA LEU A 73 17.51 -14.50 -10.09
C LEU A 73 17.85 -13.14 -10.66
N ALA A 74 16.83 -12.39 -11.04
CA ALA A 74 17.05 -11.06 -11.60
C ALA A 74 17.47 -10.14 -10.47
N GLY A 75 16.72 -10.16 -9.38
CA GLY A 75 17.04 -9.31 -8.26
C GLY A 75 18.44 -9.61 -7.74
N ARG A 76 18.83 -10.88 -7.76
CA ARG A 76 20.14 -11.31 -7.28
C ARG A 76 21.25 -10.73 -8.15
N LYS A 77 21.06 -10.72 -9.47
CA LYS A 77 22.08 -10.17 -10.36
C LYS A 77 22.20 -8.66 -10.17
N ILE A 78 21.06 -7.98 -10.20
CA ILE A 78 21.06 -6.54 -10.01
C ILE A 78 21.65 -6.21 -8.64
N ALA A 79 21.33 -7.03 -7.64
CA ALA A 79 21.85 -6.82 -6.29
C ALA A 79 23.38 -6.89 -6.35
N GLU A 80 23.88 -7.94 -7.00
CA GLU A 80 25.32 -8.12 -7.14
C GLU A 80 25.93 -6.97 -7.92
N MET A 81 25.12 -6.29 -8.74
CA MET A 81 25.61 -5.18 -9.51
C MET A 81 26.00 -3.99 -8.62
N VAL A 82 25.34 -3.85 -7.48
CA VAL A 82 25.67 -2.72 -6.60
C VAL A 82 26.96 -2.93 -5.82
N LYS A 83 27.65 -4.04 -6.09
CA LYS A 83 28.92 -4.28 -5.43
C LYS A 83 29.93 -3.48 -6.24
N GLU A 84 29.62 -3.29 -7.53
CA GLU A 84 30.50 -2.58 -8.42
C GLU A 84 30.20 -1.10 -8.65
N SER A 85 28.94 -0.75 -8.78
CA SER A 85 28.63 0.65 -9.01
C SER A 85 27.26 0.94 -8.51
N PRO A 86 26.94 2.22 -8.32
CA PRO A 86 25.57 2.48 -7.86
C PRO A 86 24.70 2.07 -9.07
N VAL A 87 23.49 1.60 -8.80
CA VAL A 87 22.63 1.14 -9.89
C VAL A 87 21.21 1.70 -9.89
N VAL A 88 20.72 2.01 -11.09
CA VAL A 88 19.35 2.51 -11.28
C VAL A 88 18.59 1.42 -12.00
N VAL A 89 17.43 1.03 -11.47
CA VAL A 89 16.63 0.01 -12.13
C VAL A 89 15.40 0.67 -12.75
N ASP A 90 15.23 0.50 -14.05
CA ASP A 90 14.10 1.05 -14.75
C ASP A 90 13.02 -0.01 -14.82
N THR A 91 11.92 0.24 -14.16
CA THR A 91 10.82 -0.70 -14.19
C THR A 91 9.54 0.03 -13.88
N HIS A 92 8.45 -0.71 -13.81
CA HIS A 92 7.16 -0.12 -13.53
C HIS A 92 6.76 -0.48 -12.11
N SER A 93 6.06 0.44 -11.47
CA SER A 93 5.59 0.20 -10.12
C SER A 93 4.57 -0.92 -10.34
N THR A 94 3.68 -0.70 -11.32
CA THR A 94 2.67 -1.67 -11.73
C THR A 94 2.52 -1.54 -13.24
N ILE A 95 2.46 -2.67 -13.92
CA ILE A 95 2.30 -2.71 -15.35
C ILE A 95 0.81 -2.78 -15.53
N LYS A 96 0.23 -1.88 -16.32
CA LYS A 96 -1.21 -1.90 -16.52
C LYS A 96 -1.57 -2.88 -17.61
N THR A 97 -2.08 -4.04 -17.22
CA THR A 97 -2.45 -5.05 -18.21
C THR A 97 -3.97 -5.21 -18.24
N PRO A 98 -4.49 -6.00 -19.20
CA PRO A 98 -5.93 -6.19 -19.27
C PRO A 98 -6.40 -6.92 -18.03
N LYS A 99 -5.50 -7.73 -17.48
CA LYS A 99 -5.80 -8.48 -16.28
C LYS A 99 -5.66 -7.50 -15.12
N GLY A 100 -5.19 -6.30 -15.43
CA GLY A 100 -5.04 -5.29 -14.40
C GLY A 100 -3.62 -4.84 -14.03
N TYR A 101 -3.55 -4.07 -12.96
CA TYR A 101 -2.28 -3.56 -12.47
C TYR A 101 -1.45 -4.69 -11.87
N LEU A 102 -0.31 -4.98 -12.50
CA LEU A 102 0.60 -6.03 -12.09
C LEU A 102 1.81 -5.43 -11.38
N PRO A 103 2.06 -5.82 -10.12
CA PRO A 103 3.22 -5.24 -9.42
C PRO A 103 4.55 -5.53 -10.11
N GLY A 104 5.27 -4.47 -10.47
CA GLY A 104 6.53 -4.64 -11.15
C GLY A 104 7.60 -5.26 -10.26
N LEU A 105 7.46 -5.06 -8.95
CA LEU A 105 8.43 -5.61 -7.99
C LEU A 105 7.77 -6.40 -6.87
N PRO A 106 7.49 -7.71 -7.09
CA PRO A 106 6.87 -8.52 -6.05
C PRO A 106 7.79 -8.63 -4.84
N VAL A 107 7.21 -8.96 -3.69
CA VAL A 107 8.00 -9.05 -2.46
C VAL A 107 9.22 -10.00 -2.58
N TRP A 108 9.10 -11.08 -3.34
CA TRP A 108 10.21 -12.00 -3.48
C TRP A 108 11.34 -11.40 -4.31
N VAL A 109 11.04 -10.30 -4.99
CA VAL A 109 12.04 -9.61 -5.78
C VAL A 109 12.65 -8.54 -4.89
N LEU A 110 11.78 -7.91 -4.11
CA LEU A 110 12.22 -6.86 -3.22
C LEU A 110 13.29 -7.37 -2.27
N ASN A 111 13.08 -8.56 -1.73
CA ASN A 111 14.06 -9.08 -0.78
C ASN A 111 15.44 -9.26 -1.41
N GLU A 112 15.48 -9.63 -2.68
CA GLU A 112 16.77 -9.79 -3.34
C GLU A 112 17.35 -8.42 -3.69
N LEU A 113 16.48 -7.50 -4.09
CA LEU A 113 16.93 -6.18 -4.49
C LEU A 113 17.45 -5.27 -3.39
N ASN A 114 16.64 -5.08 -2.36
CA ASN A 114 17.00 -4.21 -1.26
C ASN A 114 17.35 -2.83 -1.78
N PRO A 115 16.41 -2.19 -2.48
CA PRO A 115 16.65 -0.85 -3.00
C PRO A 115 16.72 0.17 -1.87
N ASP A 116 17.34 1.30 -2.12
CA ASP A 116 17.46 2.34 -1.12
C ASP A 116 16.46 3.44 -1.43
N ILE A 117 16.12 3.59 -2.71
CA ILE A 117 15.18 4.62 -3.12
C ILE A 117 14.28 4.15 -4.25
N ILE A 118 13.00 4.47 -4.13
CA ILE A 118 12.01 4.12 -5.14
C ILE A 118 11.53 5.43 -5.69
N ILE A 119 11.73 5.65 -6.98
CA ILE A 119 11.31 6.90 -7.58
C ILE A 119 10.05 6.78 -8.44
N VAL A 120 9.11 7.69 -8.23
CA VAL A 120 7.86 7.71 -8.96
C VAL A 120 7.80 8.93 -9.85
N VAL A 121 8.06 8.75 -11.15
CA VAL A 121 8.02 9.88 -12.06
C VAL A 121 6.63 10.00 -12.65
N GLU A 122 6.06 11.20 -12.59
CA GLU A 122 4.72 11.39 -13.11
C GLU A 122 4.43 12.79 -13.60
N THR A 123 3.25 12.95 -14.20
CA THR A 123 2.76 14.23 -14.71
C THR A 123 1.26 14.07 -14.84
N SER A 124 0.59 15.06 -15.43
CA SER A 124 -0.88 15.02 -15.58
C SER A 124 -1.37 14.03 -16.61
N GLY A 125 -2.61 13.59 -16.44
CA GLY A 125 -3.21 12.66 -17.37
C GLY A 125 -3.19 13.24 -18.77
N ASP A 126 -3.43 14.55 -18.88
CA ASP A 126 -3.43 15.21 -20.17
C ASP A 126 -2.08 15.16 -20.85
N GLU A 127 -1.01 15.50 -20.13
CA GLU A 127 0.32 15.48 -20.73
C GLU A 127 0.71 14.09 -21.26
N ILE A 128 0.56 13.07 -20.42
CA ILE A 128 0.86 11.70 -20.81
C ILE A 128 0.10 11.37 -22.09
N LEU A 129 -1.22 11.42 -21.98
CA LEU A 129 -2.09 11.11 -23.11
C LEU A 129 -1.68 11.78 -24.41
N ILE A 130 -1.39 13.07 -24.36
CA ILE A 130 -1.01 13.78 -25.57
C ILE A 130 0.38 13.32 -26.02
N ARG A 131 1.30 13.15 -25.08
CA ARG A 131 2.64 12.70 -25.45
C ARG A 131 2.52 11.39 -26.22
N ARG A 132 1.66 10.51 -25.73
CA ARG A 132 1.45 9.24 -26.39
C ARG A 132 0.84 9.44 -27.77
N LEU A 133 -0.24 10.21 -27.81
CA LEU A 133 -0.93 10.50 -29.05
C LEU A 133 0.01 10.91 -30.17
N ASN A 134 0.89 11.85 -29.87
CA ASN A 134 1.87 12.37 -30.85
C ASN A 134 2.96 11.36 -31.29
N ASP A 135 3.16 10.30 -30.52
CA ASP A 135 4.17 9.31 -30.91
C ASP A 135 3.64 8.45 -32.05
N GLU A 136 4.31 8.49 -33.18
CA GLU A 136 3.92 7.73 -34.36
C GLU A 136 3.57 6.26 -34.08
N THR A 137 4.13 5.70 -33.01
CA THR A 137 3.88 4.31 -32.65
C THR A 137 2.57 4.11 -31.89
N ARG A 138 2.35 4.90 -30.85
CA ARG A 138 1.14 4.79 -30.03
C ARG A 138 0.05 5.77 -30.49
N ASN A 139 -1.00 5.22 -31.11
CA ASN A 139 -2.12 6.05 -31.61
C ASN A 139 -3.53 5.48 -31.34
N ARG A 140 -3.60 4.24 -30.85
CA ARG A 140 -4.90 3.62 -30.59
C ARG A 140 -4.92 2.70 -29.37
N ASP A 141 -4.52 3.23 -28.21
CA ASP A 141 -4.52 2.46 -26.97
C ASP A 141 -5.83 2.74 -26.24
N LEU A 142 -6.51 3.80 -26.70
CA LEU A 142 -7.80 4.20 -26.16
C LEU A 142 -7.90 4.34 -24.64
N GLU A 143 -6.79 4.71 -23.98
CA GLU A 143 -6.80 4.90 -22.53
C GLU A 143 -6.95 6.38 -22.26
N THR A 144 -7.99 6.75 -21.51
CA THR A 144 -8.26 8.14 -21.17
C THR A 144 -7.37 8.71 -20.06
N THR A 145 -7.47 10.02 -19.85
CA THR A 145 -6.68 10.66 -18.81
C THR A 145 -7.02 10.07 -17.45
N ALA A 146 -8.30 9.79 -17.20
CA ALA A 146 -8.70 9.22 -15.93
C ALA A 146 -8.03 7.87 -15.79
N GLY A 147 -7.89 7.20 -16.93
CA GLY A 147 -7.26 5.89 -16.94
C GLY A 147 -5.84 5.97 -16.48
N ILE A 148 -5.09 6.90 -17.07
CA ILE A 148 -3.70 7.09 -16.72
C ILE A 148 -3.58 7.47 -15.25
N GLU A 149 -4.46 8.38 -14.81
CA GLU A 149 -4.47 8.86 -13.44
C GLU A 149 -4.72 7.73 -12.46
N GLU A 150 -5.57 6.80 -12.86
CA GLU A 150 -5.86 5.67 -12.01
C GLU A 150 -4.59 4.85 -11.87
N HIS A 151 -3.93 4.63 -13.01
CA HIS A 151 -2.68 3.88 -13.06
C HIS A 151 -1.62 4.56 -12.19
N GLN A 152 -1.57 5.89 -12.23
CA GLN A 152 -0.60 6.60 -11.42
C GLN A 152 -0.93 6.46 -9.94
N ILE A 153 -2.22 6.52 -9.62
CA ILE A 153 -2.67 6.35 -8.26
C ILE A 153 -2.19 5.00 -7.71
N MET A 154 -2.47 3.93 -8.46
CA MET A 154 -2.05 2.60 -8.05
C MET A 154 -0.53 2.46 -8.00
N ASN A 155 0.17 3.33 -8.73
CA ASN A 155 1.63 3.28 -8.74
C ASN A 155 2.17 3.78 -7.43
N ARG A 156 1.59 4.87 -6.94
CA ARG A 156 2.02 5.43 -5.67
C ARG A 156 1.84 4.39 -4.57
N ALA A 157 0.65 3.80 -4.50
CA ALA A 157 0.37 2.78 -3.51
C ALA A 157 1.43 1.70 -3.49
N ALA A 158 1.65 1.08 -4.64
CA ALA A 158 2.64 0.02 -4.76
C ALA A 158 4.04 0.50 -4.39
N ALA A 159 4.43 1.67 -4.90
CA ALA A 159 5.75 2.21 -4.59
C ALA A 159 5.86 2.38 -3.10
N MET A 160 4.77 2.81 -2.47
CA MET A 160 4.78 3.04 -1.03
C MET A 160 4.91 1.71 -0.31
N THR A 161 4.24 0.69 -0.82
CA THR A 161 4.32 -0.62 -0.20
C THR A 161 5.78 -1.12 -0.26
N TYR A 162 6.46 -0.92 -1.39
CA TYR A 162 7.84 -1.37 -1.50
C TYR A 162 8.68 -0.69 -0.40
N GLY A 163 8.42 0.59 -0.17
CA GLY A 163 9.15 1.31 0.85
C GLY A 163 8.91 0.71 2.22
N VAL A 164 7.66 0.40 2.52
CA VAL A 164 7.32 -0.18 3.80
C VAL A 164 7.99 -1.53 3.99
N LEU A 165 8.09 -2.30 2.91
CA LEU A 165 8.70 -3.62 2.97
C LEU A 165 10.23 -3.68 2.96
N THR A 166 10.85 -2.75 2.24
CA THR A 166 12.30 -2.72 2.13
C THR A 166 12.94 -1.57 2.90
N GLY A 167 12.12 -0.61 3.33
CA GLY A 167 12.65 0.52 4.09
C GLY A 167 13.14 1.62 3.18
N ALA A 168 13.05 1.39 1.87
CA ALA A 168 13.48 2.34 0.86
C ALA A 168 12.63 3.60 0.92
N THR A 169 13.15 4.73 0.47
CA THR A 169 12.37 5.97 0.47
C THR A 169 11.66 6.14 -0.87
N VAL A 170 10.50 6.79 -0.84
CA VAL A 170 9.72 6.98 -2.05
C VAL A 170 9.63 8.44 -2.45
N LYS A 171 10.32 8.78 -3.53
CA LYS A 171 10.37 10.13 -4.06
C LYS A 171 9.48 10.28 -5.29
N ILE A 172 8.50 11.16 -5.21
CA ILE A 172 7.61 11.39 -6.33
C ILE A 172 8.18 12.62 -7.03
N ILE A 173 8.31 12.55 -8.35
CA ILE A 173 8.86 13.67 -9.11
C ILE A 173 8.02 13.98 -10.33
N GLN A 174 7.65 15.24 -10.49
CA GLN A 174 6.83 15.63 -11.64
C GLN A 174 7.66 15.98 -12.86
N ASN A 175 7.36 15.35 -13.99
CA ASN A 175 8.08 15.65 -15.21
C ASN A 175 7.11 16.26 -16.20
N LYS A 176 6.84 17.56 -16.01
CA LYS A 176 5.90 18.29 -16.86
C LYS A 176 6.50 18.91 -18.12
N ASN A 177 5.67 19.02 -19.15
CA ASN A 177 6.11 19.59 -20.40
C ASN A 177 6.80 20.92 -20.16
N ASN A 178 7.79 21.21 -21.00
CA ASN A 178 8.54 22.45 -20.94
C ASN A 178 9.32 22.71 -19.67
N LEU A 179 9.19 21.81 -18.69
CA LEU A 179 9.92 21.97 -17.43
C LEU A 179 10.74 20.70 -17.21
N LEU A 180 11.24 20.14 -18.29
CA LEU A 180 12.05 18.93 -18.23
C LEU A 180 13.23 19.08 -17.28
N ASP A 181 13.95 20.19 -17.41
CA ASP A 181 15.13 20.43 -16.58
C ASP A 181 14.91 20.38 -15.07
N TYR A 182 13.72 20.79 -14.60
CA TYR A 182 13.45 20.76 -13.17
C TYR A 182 13.29 19.32 -12.69
N ALA A 183 12.72 18.48 -13.54
CA ALA A 183 12.54 17.08 -13.21
C ALA A 183 13.93 16.45 -13.11
N VAL A 184 14.75 16.68 -14.12
CA VAL A 184 16.10 16.14 -14.16
C VAL A 184 16.91 16.60 -12.97
N GLU A 185 16.77 17.87 -12.61
CA GLU A 185 17.49 18.40 -11.46
C GLU A 185 17.11 17.61 -10.22
N GLU A 186 15.83 17.61 -9.88
CA GLU A 186 15.36 16.90 -8.70
C GLU A 186 15.90 15.49 -8.62
N LEU A 187 15.98 14.84 -9.77
CA LEU A 187 16.46 13.46 -9.82
C LEU A 187 17.92 13.40 -9.42
N ILE A 188 18.69 14.36 -9.90
CA ILE A 188 20.11 14.40 -9.58
C ILE A 188 20.33 14.59 -8.09
N SER A 189 19.42 15.27 -7.43
CA SER A 189 19.58 15.49 -6.01
C SER A 189 19.45 14.21 -5.20
N VAL A 190 18.57 13.32 -5.61
CA VAL A 190 18.37 12.10 -4.85
C VAL A 190 19.38 11.01 -5.20
N LEU A 191 19.99 11.11 -6.37
CA LEU A 191 20.95 10.12 -6.83
C LEU A 191 22.39 10.31 -6.36
N ARG A 192 22.82 11.54 -6.16
CA ARG A 192 24.19 11.75 -5.73
C ARG A 192 24.33 11.38 -4.26
N MET B 1 0.30 -23.46 -10.63
CA MET B 1 -0.97 -24.25 -10.59
C MET B 1 -2.11 -23.61 -11.38
N LYS B 2 -2.67 -24.36 -12.34
CA LYS B 2 -3.76 -23.87 -13.16
C LYS B 2 -4.97 -23.58 -12.27
N ASN B 3 -6.11 -23.24 -12.88
CA ASN B 3 -7.30 -22.90 -12.11
C ASN B 3 -6.98 -21.62 -11.37
N LYS B 4 -7.40 -20.50 -11.94
CA LYS B 4 -7.14 -19.19 -11.35
C LYS B 4 -7.93 -19.02 -10.06
N LEU B 5 -7.34 -18.30 -9.12
CA LEU B 5 -7.99 -18.00 -7.85
C LEU B 5 -7.99 -16.47 -7.72
N VAL B 6 -9.18 -15.88 -7.76
CA VAL B 6 -9.31 -14.43 -7.68
C VAL B 6 -10.21 -14.02 -6.54
N VAL B 7 -10.01 -12.82 -6.01
CA VAL B 7 -10.87 -12.35 -4.96
C VAL B 7 -11.50 -11.07 -5.43
N VAL B 8 -12.82 -11.01 -5.35
CA VAL B 8 -13.59 -9.85 -5.79
C VAL B 8 -14.01 -9.03 -4.59
N THR B 9 -13.46 -7.83 -4.47
CA THR B 9 -13.79 -6.94 -3.37
C THR B 9 -14.51 -5.70 -3.87
N GLY B 10 -15.04 -4.94 -2.94
CA GLY B 10 -15.76 -3.72 -3.27
C GLY B 10 -16.48 -3.25 -2.02
N VAL B 11 -17.00 -2.03 -2.06
CA VAL B 11 -17.71 -1.49 -0.90
C VAL B 11 -19.17 -1.94 -0.91
N PRO B 12 -19.74 -2.21 0.28
CA PRO B 12 -21.14 -2.65 0.31
C PRO B 12 -22.02 -1.73 -0.54
N GLY B 13 -22.49 -2.25 -1.66
CA GLY B 13 -23.32 -1.44 -2.53
C GLY B 13 -22.84 -1.38 -3.97
N VAL B 14 -21.55 -1.60 -4.23
CA VAL B 14 -21.07 -1.54 -5.61
C VAL B 14 -21.61 -2.74 -6.34
N GLY B 15 -22.05 -3.73 -5.58
CA GLY B 15 -22.57 -4.93 -6.19
C GLY B 15 -21.48 -5.69 -6.91
N GLY B 16 -20.42 -6.02 -6.17
CA GLY B 16 -19.33 -6.76 -6.75
C GLY B 16 -19.82 -8.19 -6.89
N THR B 17 -20.54 -8.66 -5.88
CA THR B 17 -21.08 -10.01 -5.91
C THR B 17 -22.04 -10.15 -7.09
N THR B 18 -22.87 -9.14 -7.28
CA THR B 18 -23.82 -9.16 -8.37
C THR B 18 -23.13 -9.38 -9.71
N ILE B 19 -22.23 -8.49 -10.09
CA ILE B 19 -21.53 -8.64 -11.37
C ILE B 19 -20.70 -9.92 -11.39
N THR B 20 -20.26 -10.38 -10.22
CA THR B 20 -19.49 -11.61 -10.17
C THR B 20 -20.42 -12.72 -10.62
N GLN B 21 -21.59 -12.80 -9.99
CA GLN B 21 -22.57 -13.82 -10.33
C GLN B 21 -22.91 -13.85 -11.83
N LYS B 22 -23.30 -12.72 -12.37
CA LYS B 22 -23.63 -12.64 -13.78
C LYS B 22 -22.44 -13.01 -14.65
N ALA B 23 -21.22 -12.74 -14.17
CA ALA B 23 -20.02 -13.08 -14.92
C ALA B 23 -19.84 -14.59 -14.92
N MET B 24 -19.99 -15.20 -13.74
CA MET B 24 -19.89 -16.65 -13.63
C MET B 24 -20.94 -17.27 -14.54
N GLU B 25 -22.18 -16.82 -14.33
CA GLU B 25 -23.36 -17.21 -15.09
C GLU B 25 -23.01 -17.27 -16.58
N LYS B 26 -22.71 -16.10 -17.13
CA LYS B 26 -22.35 -15.97 -18.53
C LYS B 26 -21.10 -16.79 -18.90
N LEU B 27 -20.13 -16.90 -18.00
CA LEU B 27 -18.91 -17.66 -18.26
C LEU B 27 -19.19 -19.15 -18.36
N SER B 28 -20.09 -19.62 -17.52
CA SER B 28 -20.47 -21.02 -17.50
C SER B 28 -20.86 -21.47 -18.90
N GLU B 29 -21.38 -20.53 -19.69
CA GLU B 29 -21.82 -20.80 -21.06
C GLU B 29 -20.69 -21.35 -21.89
N GLU B 30 -19.47 -21.04 -21.48
CA GLU B 30 -18.33 -21.54 -22.22
C GLU B 30 -17.54 -22.57 -21.40
N GLY B 31 -18.28 -23.37 -20.64
CA GLY B 31 -17.70 -24.44 -19.85
C GLY B 31 -16.83 -24.11 -18.67
N ILE B 32 -16.71 -22.83 -18.36
CA ILE B 32 -15.90 -22.39 -17.25
C ILE B 32 -16.80 -22.26 -16.05
N ASN B 33 -16.51 -23.04 -15.01
CA ASN B 33 -17.36 -23.03 -13.82
C ASN B 33 -16.65 -22.67 -12.53
N TYR B 34 -16.61 -21.38 -12.26
CA TYR B 34 -15.98 -20.85 -11.07
C TYR B 34 -16.75 -21.26 -9.83
N LYS B 35 -16.03 -21.36 -8.72
CA LYS B 35 -16.64 -21.70 -7.46
C LYS B 35 -16.58 -20.43 -6.61
N MET B 36 -17.73 -19.80 -6.36
CA MET B 36 -17.72 -18.62 -5.55
C MET B 36 -17.77 -19.02 -4.10
N VAL B 37 -16.96 -18.35 -3.30
CA VAL B 37 -16.91 -18.66 -1.89
C VAL B 37 -16.75 -17.34 -1.17
N ASN B 38 -17.26 -17.25 0.04
CA ASN B 38 -17.15 -16.04 0.84
C ASN B 38 -16.17 -16.34 1.96
N PHE B 39 -15.03 -15.65 1.95
CA PHE B 39 -13.98 -15.86 2.94
C PHE B 39 -14.48 -15.94 4.37
N GLY B 40 -15.33 -15.00 4.75
CA GLY B 40 -15.85 -15.04 6.10
C GLY B 40 -16.57 -16.33 6.36
N THR B 41 -17.22 -16.88 5.33
CA THR B 41 -17.94 -18.12 5.47
C THR B 41 -16.98 -19.26 5.76
N VAL B 42 -15.88 -19.30 5.04
CA VAL B 42 -14.88 -20.35 5.23
C VAL B 42 -14.36 -20.38 6.67
N MET B 43 -14.05 -19.21 7.21
CA MET B 43 -13.57 -19.16 8.58
C MET B 43 -14.62 -19.81 9.48
N PHE B 44 -15.88 -19.50 9.21
CA PHE B 44 -17.00 -20.06 9.97
C PHE B 44 -17.01 -21.59 9.85
N GLU B 45 -16.77 -22.08 8.63
CA GLU B 45 -16.75 -23.51 8.38
C GLU B 45 -15.56 -24.18 9.04
N VAL B 46 -14.43 -23.49 9.09
CA VAL B 46 -13.22 -24.03 9.70
C VAL B 46 -13.42 -24.00 11.21
N ALA B 47 -14.19 -23.03 11.68
CA ALA B 47 -14.48 -22.89 13.10
C ALA B 47 -15.26 -24.11 13.58
N GLN B 48 -16.32 -24.46 12.85
CA GLN B 48 -17.14 -25.61 13.20
C GLN B 48 -16.33 -26.91 13.16
N GLU B 49 -15.50 -27.05 12.13
CA GLU B 49 -14.67 -28.24 11.96
C GLU B 49 -13.59 -28.35 13.05
N GLU B 50 -13.10 -27.21 13.51
CA GLU B 50 -12.09 -27.18 14.56
C GLU B 50 -12.81 -27.23 15.89
N ASN B 51 -14.13 -27.35 15.82
CA ASN B 51 -14.97 -27.39 17.00
C ASN B 51 -14.74 -26.11 17.79
N LEU B 52 -15.35 -25.02 17.35
CA LEU B 52 -15.21 -23.73 18.01
C LEU B 52 -16.48 -22.86 17.96
N VAL B 53 -17.44 -23.23 17.12
CA VAL B 53 -18.70 -22.48 17.04
C VAL B 53 -19.89 -23.34 16.61
N GLU B 54 -21.04 -22.70 16.42
CA GLU B 54 -22.27 -23.37 16.01
C GLU B 54 -23.13 -22.39 15.21
N ASP B 55 -22.67 -21.16 15.14
CA ASP B 55 -23.35 -20.11 14.39
C ASP B 55 -22.42 -18.90 14.31
N ARG B 56 -22.60 -18.12 13.25
CA ARG B 56 -21.80 -16.93 12.96
C ARG B 56 -21.59 -15.88 14.07
N ASP B 57 -22.20 -16.09 15.22
CA ASP B 57 -22.07 -15.12 16.31
C ASP B 57 -21.01 -15.52 17.34
N GLN B 58 -20.57 -16.76 17.29
CA GLN B 58 -19.56 -17.24 18.21
C GLN B 58 -18.18 -16.99 17.61
N MET B 59 -18.19 -16.40 16.42
CA MET B 59 -16.96 -16.09 15.69
C MET B 59 -16.36 -14.77 16.15
N ARG B 60 -17.22 -13.76 16.32
CA ARG B 60 -16.81 -12.43 16.74
C ARG B 60 -16.22 -12.50 18.15
N LYS B 61 -16.81 -13.35 18.99
CA LYS B 61 -16.40 -13.54 20.38
C LYS B 61 -15.25 -14.55 20.49
N LEU B 62 -14.89 -15.15 19.37
CA LEU B 62 -13.82 -16.13 19.33
C LEU B 62 -12.50 -15.40 19.64
N ASP B 63 -11.66 -16.03 20.44
CA ASP B 63 -10.37 -15.49 20.84
C ASP B 63 -9.66 -14.73 19.72
N PRO B 64 -9.04 -13.58 20.03
CA PRO B 64 -8.34 -12.79 19.02
C PRO B 64 -7.12 -13.49 18.43
N ASP B 65 -6.34 -14.14 19.28
CA ASP B 65 -5.16 -14.84 18.81
C ASP B 65 -5.57 -15.94 17.86
N THR B 66 -6.33 -16.92 18.37
CA THR B 66 -6.75 -18.04 17.55
C THR B 66 -7.55 -17.62 16.31
N GLN B 67 -7.99 -16.37 16.29
CA GLN B 67 -8.77 -15.88 15.16
C GLN B 67 -7.84 -15.71 13.97
N LYS B 68 -6.55 -15.64 14.26
CA LYS B 68 -5.54 -15.51 13.23
C LYS B 68 -5.35 -16.89 12.63
N ARG B 69 -5.32 -17.91 13.49
CA ARG B 69 -5.17 -19.28 13.04
C ARG B 69 -6.32 -19.64 12.09
N ILE B 70 -7.55 -19.32 12.49
CA ILE B 70 -8.72 -19.61 11.67
C ILE B 70 -8.57 -18.98 10.29
N GLN B 71 -7.94 -17.82 10.24
CA GLN B 71 -7.71 -17.13 8.98
C GLN B 71 -6.68 -17.91 8.18
N LYS B 72 -5.65 -18.40 8.86
CA LYS B 72 -4.63 -19.16 8.16
C LYS B 72 -5.26 -20.43 7.54
N LEU B 73 -5.99 -21.18 8.36
CA LEU B 73 -6.64 -22.39 7.88
C LEU B 73 -7.66 -22.09 6.77
N ALA B 74 -8.40 -20.99 6.92
CA ALA B 74 -9.39 -20.61 5.94
C ALA B 74 -8.69 -20.30 4.62
N GLY B 75 -7.46 -19.82 4.71
CA GLY B 75 -6.69 -19.52 3.51
C GLY B 75 -6.16 -20.79 2.89
N ARG B 76 -5.91 -21.79 3.73
CA ARG B 76 -5.43 -23.09 3.30
C ARG B 76 -6.56 -23.81 2.55
N LYS B 77 -7.73 -23.92 3.18
CA LYS B 77 -8.88 -24.57 2.57
C LYS B 77 -9.14 -24.11 1.14
N ILE B 78 -9.19 -22.79 0.96
CA ILE B 78 -9.46 -22.21 -0.34
C ILE B 78 -8.31 -22.56 -1.30
N ALA B 79 -7.09 -22.49 -0.80
CA ALA B 79 -5.94 -22.83 -1.64
C ALA B 79 -6.11 -24.25 -2.18
N GLU B 80 -6.57 -25.15 -1.32
CA GLU B 80 -6.76 -26.54 -1.70
C GLU B 80 -7.91 -26.63 -2.68
N MET B 81 -8.86 -25.71 -2.58
CA MET B 81 -10.02 -25.67 -3.48
C MET B 81 -9.69 -25.46 -4.96
N VAL B 82 -8.68 -24.65 -5.27
CA VAL B 82 -8.33 -24.38 -6.67
C VAL B 82 -7.74 -25.61 -7.34
N LYS B 83 -7.53 -26.65 -6.54
CA LYS B 83 -7.01 -27.90 -7.07
C LYS B 83 -8.13 -28.57 -7.86
N GLU B 84 -9.37 -28.32 -7.46
CA GLU B 84 -10.52 -28.93 -8.11
C GLU B 84 -11.39 -27.99 -8.93
N SER B 85 -11.04 -26.70 -8.97
CA SER B 85 -11.83 -25.74 -9.73
C SER B 85 -11.34 -24.32 -9.60
N PRO B 86 -11.62 -23.49 -10.60
CA PRO B 86 -11.18 -22.09 -10.49
C PRO B 86 -12.05 -21.48 -9.39
N VAL B 87 -11.47 -20.65 -8.56
CA VAL B 87 -12.23 -20.06 -7.46
C VAL B 87 -12.29 -18.54 -7.38
N VAL B 88 -13.42 -18.01 -6.91
CA VAL B 88 -13.57 -16.59 -6.70
C VAL B 88 -13.86 -16.46 -5.21
N VAL B 89 -13.03 -15.71 -4.49
CA VAL B 89 -13.29 -15.52 -3.06
C VAL B 89 -13.92 -14.15 -2.91
N ASP B 90 -15.16 -14.13 -2.44
CA ASP B 90 -15.87 -12.87 -2.24
C ASP B 90 -15.59 -12.39 -0.83
N THR B 91 -14.83 -11.32 -0.71
CA THR B 91 -14.52 -10.78 0.59
C THR B 91 -14.34 -9.28 0.49
N HIS B 92 -13.82 -8.68 1.56
CA HIS B 92 -13.60 -7.25 1.60
C HIS B 92 -12.15 -6.92 1.38
N SER B 93 -11.90 -5.74 0.83
CA SER B 93 -10.52 -5.31 0.66
C SER B 93 -10.18 -4.84 2.08
N THR B 94 -11.01 -3.96 2.61
CA THR B 94 -10.85 -3.49 3.98
C THR B 94 -12.27 -3.36 4.53
N ILE B 95 -12.49 -3.84 5.75
CA ILE B 95 -13.82 -3.75 6.34
C ILE B 95 -13.86 -2.46 7.14
N LYS B 96 -14.87 -1.63 6.89
CA LYS B 96 -14.99 -0.36 7.58
C LYS B 96 -15.66 -0.56 8.93
N THR B 97 -14.85 -0.60 9.98
CA THR B 97 -15.32 -0.79 11.34
C THR B 97 -15.23 0.53 12.06
N PRO B 98 -15.90 0.65 13.22
CA PRO B 98 -15.85 1.91 13.98
C PRO B 98 -14.43 2.17 14.45
N LYS B 99 -13.67 1.08 14.58
CA LYS B 99 -12.27 1.13 15.00
C LYS B 99 -11.39 1.45 13.79
N GLY B 100 -12.01 1.56 12.61
CA GLY B 100 -11.27 1.88 11.41
C GLY B 100 -11.30 0.82 10.33
N TYR B 101 -10.58 1.07 9.24
CA TYR B 101 -10.51 0.14 8.12
C TYR B 101 -9.69 -1.07 8.53
N LEU B 102 -10.34 -2.22 8.54
CA LEU B 102 -9.73 -3.50 8.91
C LEU B 102 -9.39 -4.29 7.66
N PRO B 103 -8.12 -4.69 7.49
CA PRO B 103 -7.73 -5.45 6.31
C PRO B 103 -8.50 -6.75 6.16
N GLY B 104 -9.15 -6.93 5.01
CA GLY B 104 -9.90 -8.14 4.76
C GLY B 104 -9.02 -9.36 4.58
N LEU B 105 -7.84 -9.15 4.00
CA LEU B 105 -6.91 -10.23 3.76
C LEU B 105 -5.51 -9.90 4.28
N PRO B 106 -5.29 -10.02 5.60
CA PRO B 106 -3.95 -9.71 6.12
C PRO B 106 -2.89 -10.64 5.51
N VAL B 107 -1.61 -10.30 5.68
CA VAL B 107 -0.52 -11.07 5.10
C VAL B 107 -0.47 -12.56 5.41
N TRP B 108 -0.77 -12.96 6.65
CA TRP B 108 -0.73 -14.39 6.96
C TRP B 108 -1.84 -15.19 6.26
N VAL B 109 -2.81 -14.48 5.69
CA VAL B 109 -3.89 -15.12 4.96
C VAL B 109 -3.45 -15.22 3.51
N LEU B 110 -2.83 -14.15 3.02
CA LEU B 110 -2.34 -14.12 1.65
C LEU B 110 -1.29 -15.21 1.36
N ASN B 111 -0.49 -15.57 2.37
CA ASN B 111 0.54 -16.59 2.18
C ASN B 111 -0.05 -17.97 1.96
N GLU B 112 -1.19 -18.24 2.58
CA GLU B 112 -1.87 -19.52 2.43
C GLU B 112 -2.78 -19.49 1.20
N LEU B 113 -3.26 -18.30 0.87
CA LEU B 113 -4.18 -18.10 -0.25
C LEU B 113 -3.57 -18.06 -1.62
N ASN B 114 -2.54 -17.25 -1.78
CA ASN B 114 -1.86 -17.11 -3.05
C ASN B 114 -2.79 -16.77 -4.20
N PRO B 115 -3.43 -15.60 -4.14
CA PRO B 115 -4.35 -15.21 -5.21
C PRO B 115 -3.63 -14.85 -6.51
N ASP B 116 -4.40 -14.87 -7.59
CA ASP B 116 -3.90 -14.55 -8.90
C ASP B 116 -4.38 -13.16 -9.29
N ILE B 117 -5.62 -12.85 -8.93
CA ILE B 117 -6.18 -11.55 -9.22
C ILE B 117 -7.02 -11.00 -8.07
N ILE B 118 -6.93 -9.70 -7.87
CA ILE B 118 -7.69 -9.04 -6.84
C ILE B 118 -8.56 -8.05 -7.60
N ILE B 119 -9.86 -8.27 -7.62
CA ILE B 119 -10.74 -7.36 -8.31
C ILE B 119 -11.20 -6.34 -7.28
N VAL B 120 -11.30 -5.10 -7.71
CA VAL B 120 -11.75 -4.00 -6.88
C VAL B 120 -12.85 -3.32 -7.65
N VAL B 121 -14.09 -3.71 -7.40
CA VAL B 121 -15.21 -3.12 -8.11
C VAL B 121 -15.61 -1.81 -7.43
N GLU B 122 -15.82 -0.77 -8.25
CA GLU B 122 -16.15 0.55 -7.74
C GLU B 122 -17.24 1.28 -8.54
N THR B 123 -17.51 2.51 -8.10
CA THR B 123 -18.44 3.40 -8.77
C THR B 123 -18.46 4.68 -7.95
N SER B 124 -19.32 5.64 -8.31
CA SER B 124 -19.37 6.92 -7.61
C SER B 124 -19.91 6.85 -6.21
N GLY B 125 -19.39 7.71 -5.35
CA GLY B 125 -19.84 7.77 -3.98
C GLY B 125 -21.34 8.07 -4.01
N ASP B 126 -21.75 8.86 -5.00
CA ASP B 126 -23.16 9.21 -5.15
C ASP B 126 -23.98 7.96 -5.39
N GLU B 127 -23.64 7.23 -6.45
CA GLU B 127 -24.37 6.02 -6.80
C GLU B 127 -24.49 5.05 -5.65
N ILE B 128 -23.37 4.77 -5.00
CA ILE B 128 -23.35 3.84 -3.87
C ILE B 128 -24.29 4.28 -2.76
N LEU B 129 -24.23 5.55 -2.39
CA LEU B 129 -25.08 6.06 -1.32
C LEU B 129 -26.56 5.99 -1.66
N ILE B 130 -26.89 6.13 -2.94
CA ILE B 130 -28.29 6.06 -3.33
C ILE B 130 -28.75 4.60 -3.28
N ARG B 131 -27.92 3.70 -3.78
CA ARG B 131 -28.24 2.28 -3.79
C ARG B 131 -28.61 1.78 -2.39
N ARG B 132 -27.85 2.23 -1.40
CA ARG B 132 -28.06 1.85 -0.01
C ARG B 132 -29.35 2.43 0.53
N LEU B 133 -29.80 3.53 -0.07
CA LEU B 133 -31.04 4.19 0.33
C LEU B 133 -32.26 3.49 -0.26
N ASN B 134 -32.15 3.04 -1.51
CA ASN B 134 -33.24 2.33 -2.15
C ASN B 134 -33.16 0.87 -1.73
N ASP B 135 -32.44 0.62 -0.64
CA ASP B 135 -32.28 -0.73 -0.12
C ASP B 135 -33.00 -0.84 1.22
N GLU B 136 -33.98 -1.73 1.26
CA GLU B 136 -34.79 -1.97 2.46
C GLU B 136 -34.00 -2.69 3.56
N THR B 137 -33.05 -3.53 3.15
CA THR B 137 -32.22 -4.28 4.10
C THR B 137 -31.37 -3.33 4.95
N ARG B 138 -31.13 -2.14 4.42
CA ARG B 138 -30.33 -1.13 5.09
C ARG B 138 -31.17 -0.08 5.80
N ASN B 139 -31.04 1.17 5.36
CA ASN B 139 -31.77 2.29 5.94
C ASN B 139 -31.39 2.43 7.42
N ARG B 140 -30.12 2.77 7.67
CA ARG B 140 -29.62 2.92 9.04
C ARG B 140 -28.54 3.99 9.18
N ASP B 141 -27.39 3.75 8.57
CA ASP B 141 -26.23 4.63 8.65
C ASP B 141 -26.41 6.09 8.24
N LEU B 142 -25.28 6.77 8.11
CA LEU B 142 -25.24 8.17 7.74
C LEU B 142 -23.95 8.35 6.94
N GLU B 143 -23.49 7.25 6.36
CA GLU B 143 -22.27 7.21 5.56
C GLU B 143 -22.39 8.18 4.38
N THR B 144 -21.54 9.20 4.37
CA THR B 144 -21.54 10.20 3.32
C THR B 144 -20.74 9.76 2.11
N THR B 145 -20.97 10.42 0.98
CA THR B 145 -20.25 10.09 -0.24
C THR B 145 -18.74 10.25 -0.06
N ALA B 146 -18.32 11.18 0.78
CA ALA B 146 -16.90 11.39 1.01
C ALA B 146 -16.35 10.17 1.78
N GLY B 147 -17.18 9.63 2.67
CA GLY B 147 -16.80 8.46 3.45
C GLY B 147 -16.71 7.23 2.56
N ILE B 148 -17.67 7.08 1.67
CA ILE B 148 -17.65 5.96 0.75
C ILE B 148 -16.40 6.11 -0.11
N GLU B 149 -16.21 7.32 -0.63
CA GLU B 149 -15.06 7.60 -1.48
C GLU B 149 -13.76 7.29 -0.74
N GLU B 150 -13.69 7.70 0.52
CA GLU B 150 -12.49 7.46 1.32
C GLU B 150 -12.26 5.98 1.46
N HIS B 151 -13.35 5.25 1.67
CA HIS B 151 -13.28 3.81 1.84
C HIS B 151 -12.73 3.19 0.56
N GLN B 152 -13.26 3.64 -0.57
CA GLN B 152 -12.80 3.11 -1.84
C GLN B 152 -11.33 3.43 -2.07
N ILE B 153 -10.83 4.48 -1.43
CA ILE B 153 -9.44 4.82 -1.58
C ILE B 153 -8.60 3.84 -0.78
N MET B 154 -9.01 3.58 0.45
CA MET B 154 -8.26 2.64 1.29
C MET B 154 -8.28 1.22 0.72
N ASN B 155 -9.42 0.78 0.19
CA ASN B 155 -9.51 -0.54 -0.41
C ASN B 155 -8.49 -0.66 -1.53
N ARG B 156 -8.36 0.38 -2.34
CA ARG B 156 -7.42 0.40 -3.43
C ARG B 156 -5.99 0.16 -2.93
N ALA B 157 -5.62 0.89 -1.89
CA ALA B 157 -4.29 0.73 -1.36
C ALA B 157 -4.11 -0.69 -0.85
N ALA B 158 -5.14 -1.20 -0.19
CA ALA B 158 -5.09 -2.55 0.38
C ALA B 158 -4.93 -3.58 -0.72
N ALA B 159 -5.68 -3.41 -1.80
CA ALA B 159 -5.61 -4.32 -2.91
C ALA B 159 -4.19 -4.34 -3.47
N MET B 160 -3.65 -3.17 -3.78
CA MET B 160 -2.31 -3.09 -4.34
C MET B 160 -1.30 -3.74 -3.41
N THR B 161 -1.45 -3.49 -2.12
CA THR B 161 -0.55 -4.05 -1.14
C THR B 161 -0.68 -5.55 -1.27
N TYR B 162 -1.91 -6.04 -1.31
CA TYR B 162 -2.12 -7.49 -1.47
C TYR B 162 -1.37 -7.95 -2.71
N GLY B 163 -1.53 -7.20 -3.79
CA GLY B 163 -0.88 -7.53 -5.05
C GLY B 163 0.62 -7.67 -4.93
N VAL B 164 1.26 -6.68 -4.31
CA VAL B 164 2.70 -6.70 -4.15
C VAL B 164 3.13 -7.91 -3.33
N LEU B 165 2.40 -8.18 -2.26
CA LEU B 165 2.73 -9.30 -1.38
C LEU B 165 2.43 -10.65 -1.98
N THR B 166 1.49 -10.71 -2.89
CA THR B 166 1.11 -11.98 -3.45
C THR B 166 1.52 -12.15 -4.89
N GLY B 167 1.81 -11.04 -5.57
CA GLY B 167 2.20 -11.09 -6.97
C GLY B 167 0.96 -11.03 -7.86
N ALA B 168 -0.21 -11.09 -7.25
CA ALA B 168 -1.47 -11.02 -7.96
C ALA B 168 -1.64 -9.65 -8.57
N THR B 169 -2.39 -9.55 -9.66
CA THR B 169 -2.60 -8.25 -10.28
C THR B 169 -3.87 -7.68 -9.69
N VAL B 170 -3.98 -6.36 -9.63
CA VAL B 170 -5.18 -5.74 -9.08
C VAL B 170 -5.99 -5.10 -10.20
N LYS B 171 -7.20 -5.60 -10.42
CA LYS B 171 -8.07 -5.05 -11.47
C LYS B 171 -9.14 -4.15 -10.87
N ILE B 172 -9.33 -2.99 -11.47
CA ILE B 172 -10.36 -2.07 -10.99
C ILE B 172 -11.47 -2.01 -12.03
N ILE B 173 -12.68 -2.37 -11.63
CA ILE B 173 -13.83 -2.34 -12.53
C ILE B 173 -14.84 -1.37 -11.98
N GLN B 174 -15.46 -0.61 -12.87
CA GLN B 174 -16.47 0.35 -12.47
C GLN B 174 -17.86 -0.19 -12.78
N ASN B 175 -18.65 -0.46 -11.75
CA ASN B 175 -20.01 -0.93 -11.98
C ASN B 175 -20.92 0.29 -11.83
N LYS B 176 -21.12 1.01 -12.93
CA LYS B 176 -21.94 2.21 -12.94
C LYS B 176 -23.42 1.92 -13.26
N ASN B 177 -24.32 2.65 -12.59
CA ASN B 177 -25.76 2.48 -12.80
C ASN B 177 -26.10 2.55 -14.28
N ASN B 178 -27.03 1.69 -14.71
CA ASN B 178 -27.49 1.60 -16.10
C ASN B 178 -26.33 1.22 -17.02
N LEU B 179 -25.38 0.48 -16.48
CA LEU B 179 -24.23 0.05 -17.25
C LEU B 179 -23.65 -1.24 -16.68
N LEU B 180 -24.49 -1.94 -15.93
CA LEU B 180 -24.13 -3.20 -15.31
C LEU B 180 -23.43 -4.12 -16.29
N ASP B 181 -24.04 -4.32 -17.45
CA ASP B 181 -23.50 -5.19 -18.48
C ASP B 181 -22.05 -4.98 -18.81
N TYR B 182 -21.62 -3.72 -18.92
CA TYR B 182 -20.24 -3.43 -19.24
C TYR B 182 -19.31 -3.85 -18.11
N ALA B 183 -19.77 -3.69 -16.87
CA ALA B 183 -18.97 -4.11 -15.74
C ALA B 183 -18.83 -5.63 -15.87
N VAL B 184 -19.96 -6.31 -16.02
CA VAL B 184 -19.96 -7.77 -16.14
C VAL B 184 -19.06 -8.28 -17.24
N GLU B 185 -19.09 -7.63 -18.40
CA GLU B 185 -18.23 -8.05 -19.51
C GLU B 185 -16.77 -7.85 -19.12
N GLU B 186 -16.47 -6.75 -18.44
CA GLU B 186 -15.11 -6.46 -17.98
C GLU B 186 -14.64 -7.60 -17.08
N LEU B 187 -15.46 -7.97 -16.10
CA LEU B 187 -15.09 -9.01 -15.18
C LEU B 187 -14.86 -10.35 -15.89
N ILE B 188 -15.74 -10.68 -16.82
CA ILE B 188 -15.64 -11.93 -17.57
C ILE B 188 -14.31 -12.05 -18.31
N SER B 189 -13.81 -10.92 -18.80
CA SER B 189 -12.56 -10.98 -19.52
C SER B 189 -11.40 -11.36 -18.61
N VAL B 190 -11.45 -10.95 -17.33
CA VAL B 190 -10.35 -11.27 -16.43
C VAL B 190 -10.44 -12.64 -15.76
N LEU B 191 -11.65 -13.19 -15.66
CA LEU B 191 -11.85 -14.52 -15.08
C LEU B 191 -11.60 -15.60 -16.14
N ARG B 192 -12.10 -15.36 -17.33
CA ARG B 192 -11.91 -16.30 -18.41
C ARG B 192 -10.47 -16.77 -18.41
N MET C 1 -4.74 -2.23 34.37
CA MET C 1 -4.14 -1.88 33.05
C MET C 1 -3.34 -3.05 32.47
N LYS C 2 -3.31 -3.15 31.14
CA LYS C 2 -2.59 -4.22 30.47
C LYS C 2 -2.14 -3.94 29.04
N ASN C 3 -2.83 -4.53 28.06
CA ASN C 3 -2.45 -4.37 26.65
C ASN C 3 -3.43 -3.76 25.65
N LYS C 4 -2.83 -3.01 24.70
CA LYS C 4 -3.51 -2.31 23.60
C LYS C 4 -2.49 -1.32 23.05
N LEU C 5 -1.88 -1.64 21.92
CA LEU C 5 -0.87 -0.78 21.30
C LEU C 5 -1.46 -0.07 20.11
N VAL C 6 -1.20 1.24 20.02
CA VAL C 6 -1.71 2.04 18.92
C VAL C 6 -0.64 3.02 18.45
N VAL C 7 -0.72 3.40 17.18
CA VAL C 7 0.22 4.38 16.65
C VAL C 7 -0.58 5.52 16.06
N VAL C 8 -0.25 6.74 16.46
CA VAL C 8 -0.96 7.90 15.95
C VAL C 8 0.00 8.60 15.03
N THR C 9 -0.44 8.78 13.79
CA THR C 9 0.38 9.42 12.78
C THR C 9 -0.32 10.63 12.18
N GLY C 10 0.47 11.54 11.63
CA GLY C 10 -0.08 12.74 11.03
C GLY C 10 1.04 13.59 10.50
N VAL C 11 0.75 14.39 9.47
CA VAL C 11 1.75 15.27 8.90
C VAL C 11 1.96 16.43 9.88
N PRO C 12 3.16 17.01 9.90
CA PRO C 12 3.41 18.13 10.83
C PRO C 12 2.40 19.25 10.73
N GLY C 13 1.81 19.58 11.88
CA GLY C 13 0.82 20.65 11.94
C GLY C 13 -0.62 20.20 12.15
N VAL C 14 -0.93 18.95 11.84
CA VAL C 14 -2.30 18.48 12.01
C VAL C 14 -2.68 18.35 13.47
N GLY C 15 -1.67 18.29 14.33
CA GLY C 15 -1.93 18.17 15.77
C GLY C 15 -2.37 16.78 16.22
N GLY C 16 -1.74 15.74 15.68
CA GLY C 16 -2.10 14.40 16.07
C GLY C 16 -1.69 14.19 17.50
N THR C 17 -0.56 14.79 17.85
CA THR C 17 -0.04 14.71 19.20
C THR C 17 -1.04 15.40 20.13
N THR C 18 -1.42 16.62 19.79
CA THR C 18 -2.36 17.39 20.60
C THR C 18 -3.62 16.60 20.97
N ILE C 19 -4.41 16.26 19.96
CA ILE C 19 -5.65 15.53 20.18
C ILE C 19 -5.41 14.23 20.95
N THR C 20 -4.18 13.72 20.88
CA THR C 20 -3.82 12.49 21.59
C THR C 20 -3.70 12.83 23.07
N GLN C 21 -3.09 13.99 23.34
CA GLN C 21 -2.90 14.47 24.70
C GLN C 21 -4.24 14.66 25.37
N LYS C 22 -5.16 15.34 24.70
CA LYS C 22 -6.48 15.56 25.26
C LYS C 22 -7.13 14.21 25.54
N ALA C 23 -7.22 13.36 24.52
CA ALA C 23 -7.83 12.05 24.68
C ALA C 23 -7.27 11.30 25.89
N MET C 24 -5.95 11.25 25.97
CA MET C 24 -5.30 10.56 27.09
C MET C 24 -5.69 11.18 28.41
N GLU C 25 -5.91 12.49 28.44
CA GLU C 25 -6.29 13.14 29.67
C GLU C 25 -7.68 12.71 30.08
N LYS C 26 -8.64 12.87 29.18
CA LYS C 26 -10.01 12.50 29.51
C LYS C 26 -10.11 11.01 29.81
N LEU C 27 -9.12 10.24 29.37
CA LEU C 27 -9.14 8.80 29.62
C LEU C 27 -8.58 8.38 30.99
N SER C 28 -7.53 9.06 31.44
CA SER C 28 -6.95 8.73 32.73
C SER C 28 -7.99 8.82 33.85
N GLU C 29 -8.94 9.74 33.68
CA GLU C 29 -9.99 9.93 34.67
C GLU C 29 -11.13 8.97 34.38
N GLU C 30 -10.80 7.88 33.70
CA GLU C 30 -11.80 6.87 33.37
C GLU C 30 -11.15 5.53 33.68
N GLY C 31 -9.92 5.60 34.18
CA GLY C 31 -9.17 4.41 34.53
C GLY C 31 -8.16 4.00 33.48
N ILE C 32 -8.52 4.22 32.22
CA ILE C 32 -7.65 3.87 31.10
C ILE C 32 -6.46 4.82 31.01
N ASN C 33 -5.30 4.35 31.44
CA ASN C 33 -4.09 5.17 31.39
C ASN C 33 -3.09 4.68 30.34
N TYR C 34 -3.06 5.36 29.20
CA TYR C 34 -2.14 5.00 28.12
C TYR C 34 -0.79 5.68 28.33
N LYS C 35 0.29 4.95 28.02
CA LYS C 35 1.60 5.56 28.13
C LYS C 35 1.93 5.96 26.69
N MET C 36 2.03 7.25 26.45
CA MET C 36 2.34 7.72 25.13
C MET C 36 3.85 7.81 25.02
N VAL C 37 4.37 7.67 23.82
CA VAL C 37 5.81 7.72 23.63
C VAL C 37 6.06 7.93 22.15
N ASN C 38 7.11 8.69 21.85
CA ASN C 38 7.48 9.01 20.48
C ASN C 38 8.44 7.97 19.94
N PHE C 39 8.23 7.49 18.72
CA PHE C 39 9.12 6.47 18.19
C PHE C 39 10.53 7.01 18.06
N GLY C 40 10.64 8.25 17.60
CA GLY C 40 11.94 8.84 17.47
C GLY C 40 12.63 8.84 18.82
N THR C 41 11.90 9.25 19.85
CA THR C 41 12.43 9.30 21.20
C THR C 41 13.06 7.96 21.58
N VAL C 42 12.27 6.89 21.58
CA VAL C 42 12.77 5.57 21.94
C VAL C 42 14.01 5.11 21.17
N MET C 43 14.03 5.31 19.85
CA MET C 43 15.19 4.91 19.07
C MET C 43 16.44 5.56 19.63
N PHE C 44 16.32 6.82 20.02
CA PHE C 44 17.44 7.55 20.58
C PHE C 44 17.83 6.93 21.92
N GLU C 45 16.83 6.72 22.78
CA GLU C 45 17.10 6.14 24.09
C GLU C 45 17.83 4.81 23.94
N VAL C 46 17.45 4.06 22.91
CA VAL C 46 18.07 2.77 22.64
C VAL C 46 19.49 2.90 22.12
N ALA C 47 19.71 3.83 21.21
CA ALA C 47 21.05 4.04 20.65
C ALA C 47 22.03 4.50 21.73
N GLN C 48 21.50 5.09 22.78
CA GLN C 48 22.35 5.57 23.86
C GLN C 48 22.82 4.45 24.77
N GLU C 49 21.92 3.54 25.13
CA GLU C 49 22.32 2.42 25.98
C GLU C 49 23.34 1.56 25.23
N GLU C 50 23.29 1.62 23.90
CA GLU C 50 24.21 0.87 23.06
C GLU C 50 25.44 1.72 22.85
N ASN C 51 25.46 2.88 23.51
CA ASN C 51 26.58 3.82 23.42
C ASN C 51 26.95 4.12 21.98
N LEU C 52 25.92 4.37 21.17
CA LEU C 52 26.11 4.65 19.76
C LEU C 52 26.05 6.16 19.47
N VAL C 53 25.34 6.92 20.31
CA VAL C 53 25.24 8.37 20.11
C VAL C 53 25.19 9.20 21.38
N GLU C 54 25.39 10.51 21.20
CA GLU C 54 25.36 11.48 22.29
C GLU C 54 24.07 12.27 22.20
N ASP C 55 23.93 13.06 21.13
CA ASP C 55 22.74 13.86 20.90
C ASP C 55 21.89 13.25 19.79
N ARG C 56 20.70 13.79 19.57
CA ARG C 56 19.81 13.26 18.55
C ARG C 56 20.32 13.40 17.12
N ASP C 57 20.77 14.61 16.76
CA ASP C 57 21.26 14.84 15.40
C ASP C 57 22.52 14.06 15.08
N GLN C 58 22.90 13.18 15.99
CA GLN C 58 24.09 12.35 15.81
C GLN C 58 23.61 11.07 15.12
N MET C 59 22.29 10.85 15.21
CA MET C 59 21.67 9.69 14.59
C MET C 59 21.28 10.02 13.16
N ARG C 60 21.49 11.28 12.78
CA ARG C 60 21.21 11.75 11.42
C ARG C 60 22.05 10.83 10.55
N LYS C 61 23.36 10.94 10.74
CA LYS C 61 24.31 10.12 10.00
C LYS C 61 24.63 8.91 10.87
N LEU C 62 23.96 7.80 10.57
CA LEU C 62 24.14 6.55 11.31
C LEU C 62 23.96 5.39 10.34
N ASP C 63 24.91 4.47 10.37
CA ASP C 63 24.91 3.29 9.51
C ASP C 63 23.54 2.71 9.18
N PRO C 64 23.23 2.52 7.89
CA PRO C 64 21.94 1.97 7.46
C PRO C 64 21.51 0.68 8.20
N ASP C 65 22.43 -0.25 8.40
CA ASP C 65 22.08 -1.50 9.10
C ASP C 65 21.93 -1.26 10.59
N THR C 66 22.60 -0.22 11.09
CA THR C 66 22.52 0.12 12.50
C THR C 66 21.10 0.67 12.73
N GLN C 67 20.66 1.54 11.83
CA GLN C 67 19.34 2.12 11.94
C GLN C 67 18.28 1.04 11.96
N LYS C 68 18.55 -0.08 11.28
CA LYS C 68 17.60 -1.18 11.25
C LYS C 68 17.58 -1.89 12.61
N ARG C 69 18.76 -2.08 13.19
CA ARG C 69 18.86 -2.74 14.49
C ARG C 69 18.16 -1.87 15.51
N ILE C 70 18.52 -0.59 15.53
CA ILE C 70 17.92 0.39 16.43
C ILE C 70 16.39 0.33 16.33
N GLN C 71 15.87 0.41 15.12
CA GLN C 71 14.43 0.35 14.92
C GLN C 71 13.87 -0.94 15.50
N LYS C 72 14.40 -2.08 15.08
CA LYS C 72 13.92 -3.37 15.59
C LYS C 72 13.98 -3.45 17.11
N LEU C 73 15.01 -2.82 17.70
CA LEU C 73 15.16 -2.81 19.15
C LEU C 73 14.15 -1.86 19.78
N ALA C 74 13.97 -0.68 19.17
CA ALA C 74 13.03 0.31 19.68
C ALA C 74 11.59 -0.16 19.51
N GLY C 75 11.37 -1.07 18.57
CA GLY C 75 10.03 -1.58 18.37
C GLY C 75 9.80 -2.69 19.37
N ARG C 76 10.89 -3.34 19.78
CA ARG C 76 10.81 -4.44 20.74
C ARG C 76 10.70 -3.88 22.14
N LYS C 77 11.44 -2.81 22.40
CA LYS C 77 11.38 -2.18 23.72
C LYS C 77 9.97 -1.62 23.92
N ILE C 78 9.45 -0.98 22.88
CA ILE C 78 8.10 -0.43 22.96
C ILE C 78 7.15 -1.61 23.11
N ALA C 79 7.48 -2.72 22.48
CA ALA C 79 6.65 -3.92 22.55
C ALA C 79 6.48 -4.40 24.00
N GLU C 80 7.60 -4.60 24.68
CA GLU C 80 7.55 -5.06 26.06
C GLU C 80 6.70 -4.11 26.88
N MET C 81 6.70 -2.84 26.51
CA MET C 81 5.92 -1.86 27.26
C MET C 81 4.42 -2.16 27.33
N VAL C 82 3.88 -2.77 26.29
CA VAL C 82 2.45 -3.07 26.28
C VAL C 82 2.10 -4.11 27.35
N LYS C 83 3.13 -4.69 27.97
CA LYS C 83 2.95 -5.70 29.02
C LYS C 83 2.42 -5.10 30.32
N GLU C 84 2.72 -3.84 30.55
CA GLU C 84 2.27 -3.20 31.77
C GLU C 84 1.41 -1.94 31.59
N SER C 85 1.10 -1.59 30.35
CA SER C 85 0.30 -0.40 30.07
C SER C 85 -0.09 -0.23 28.62
N PRO C 86 -1.34 0.16 28.35
CA PRO C 86 -1.72 0.35 26.96
C PRO C 86 -0.85 1.49 26.46
N VAL C 87 -0.30 1.32 25.26
CA VAL C 87 0.62 2.32 24.70
C VAL C 87 0.18 2.95 23.38
N VAL C 88 0.51 4.22 23.22
CA VAL C 88 0.22 4.96 22.01
C VAL C 88 1.57 5.47 21.51
N VAL C 89 1.88 5.14 20.27
CA VAL C 89 3.14 5.58 19.69
C VAL C 89 2.93 6.77 18.77
N ASP C 90 3.51 7.90 19.16
CA ASP C 90 3.44 9.12 18.38
C ASP C 90 4.54 8.97 17.35
N THR C 91 4.14 8.83 16.08
CA THR C 91 5.10 8.64 15.01
C THR C 91 4.54 9.04 13.65
N HIS C 92 5.38 8.98 12.62
CA HIS C 92 4.95 9.34 11.28
C HIS C 92 4.67 8.10 10.43
N SER C 93 3.67 8.21 9.57
CA SER C 93 3.37 7.11 8.66
C SER C 93 4.62 7.12 7.79
N THR C 94 4.92 8.30 7.24
CA THR C 94 6.10 8.50 6.42
C THR C 94 6.62 9.89 6.73
N ILE C 95 7.93 10.04 6.71
CA ILE C 95 8.57 11.31 6.97
C ILE C 95 8.89 11.97 5.63
N LYS C 96 8.33 13.14 5.37
CA LYS C 96 8.61 13.81 4.10
C LYS C 96 10.02 14.41 4.05
N THR C 97 10.98 13.62 3.59
CA THR C 97 12.38 14.05 3.49
C THR C 97 12.63 14.60 2.10
N PRO C 98 13.72 15.35 1.92
CA PRO C 98 13.95 15.87 0.57
C PRO C 98 14.31 14.67 -0.33
N LYS C 99 14.59 13.54 0.30
CA LYS C 99 14.95 12.32 -0.42
C LYS C 99 13.66 11.49 -0.64
N GLY C 100 12.52 12.15 -0.50
CA GLY C 100 11.24 11.48 -0.68
C GLY C 100 10.54 11.09 0.61
N TYR C 101 9.66 10.11 0.52
CA TYR C 101 8.93 9.66 1.69
C TYR C 101 9.59 8.44 2.34
N LEU C 102 9.98 8.60 3.60
CA LEU C 102 10.63 7.54 4.35
C LEU C 102 9.59 6.86 5.20
N PRO C 103 9.44 5.54 5.06
CA PRO C 103 8.43 4.85 5.87
C PRO C 103 8.77 4.93 7.36
N GLY C 104 7.80 5.31 8.16
CA GLY C 104 8.02 5.43 9.59
C GLY C 104 8.05 4.10 10.32
N LEU C 105 7.27 3.14 9.82
CA LEU C 105 7.21 1.83 10.44
C LEU C 105 7.58 0.74 9.44
N PRO C 106 8.88 0.54 9.20
CA PRO C 106 9.31 -0.49 8.27
C PRO C 106 8.79 -1.84 8.75
N VAL C 107 8.62 -2.78 7.82
CA VAL C 107 8.13 -4.10 8.16
C VAL C 107 8.82 -4.72 9.37
N TRP C 108 10.14 -4.58 9.46
CA TRP C 108 10.85 -5.17 10.60
C TRP C 108 10.45 -4.52 11.93
N VAL C 109 9.98 -3.28 11.89
CA VAL C 109 9.54 -2.61 13.10
C VAL C 109 8.12 -3.08 13.38
N LEU C 110 7.35 -3.32 12.33
CA LEU C 110 5.99 -3.79 12.48
C LEU C 110 5.99 -5.14 13.15
N ASN C 111 6.91 -6.02 12.75
CA ASN C 111 6.99 -7.35 13.32
C ASN C 111 7.41 -7.33 14.79
N GLU C 112 7.72 -6.17 15.31
CA GLU C 112 8.13 -6.05 16.70
C GLU C 112 7.00 -5.42 17.51
N LEU C 113 6.39 -4.38 16.94
CA LEU C 113 5.29 -3.69 17.61
C LEU C 113 4.02 -4.50 17.66
N ASN C 114 3.60 -5.02 16.52
CA ASN C 114 2.36 -5.79 16.46
C ASN C 114 1.25 -4.89 16.96
N PRO C 115 1.20 -3.65 16.45
CA PRO C 115 0.16 -2.70 16.87
C PRO C 115 -1.24 -3.23 16.62
N ASP C 116 -2.22 -2.53 17.18
CA ASP C 116 -3.60 -2.92 17.05
C ASP C 116 -4.39 -1.94 16.16
N ILE C 117 -4.00 -0.67 16.20
CA ILE C 117 -4.65 0.34 15.39
C ILE C 117 -3.58 1.27 14.85
N ILE C 118 -3.86 1.88 13.72
CA ILE C 118 -2.93 2.81 13.12
C ILE C 118 -3.73 4.06 12.85
N ILE C 119 -3.73 4.99 13.79
CA ILE C 119 -4.47 6.24 13.64
C ILE C 119 -3.77 7.15 12.63
N VAL C 120 -4.56 7.73 11.72
CA VAL C 120 -4.03 8.64 10.71
C VAL C 120 -4.87 9.90 10.80
N VAL C 121 -4.31 10.96 11.38
CA VAL C 121 -5.03 12.21 11.51
C VAL C 121 -4.72 13.18 10.37
N GLU C 122 -5.76 13.76 9.80
CA GLU C 122 -5.58 14.65 8.67
C GLU C 122 -6.48 15.89 8.71
N THR C 123 -6.33 16.71 7.67
CA THR C 123 -7.13 17.90 7.45
C THR C 123 -6.74 18.43 6.08
N SER C 124 -7.42 19.46 5.61
CA SER C 124 -7.12 20.01 4.29
C SER C 124 -5.69 20.51 4.22
N GLY C 125 -5.14 20.53 3.00
CA GLY C 125 -3.78 21.03 2.84
C GLY C 125 -3.74 22.50 3.24
N ASP C 126 -4.84 23.20 2.98
CA ASP C 126 -4.92 24.60 3.33
C ASP C 126 -4.81 24.81 4.83
N GLU C 127 -5.59 24.06 5.59
CA GLU C 127 -5.57 24.24 7.04
C GLU C 127 -4.18 24.05 7.63
N ILE C 128 -3.51 23.01 7.19
CA ILE C 128 -2.18 22.72 7.65
C ILE C 128 -1.22 23.84 7.27
N LEU C 129 -1.20 24.23 6.00
CA LEU C 129 -0.30 25.29 5.55
C LEU C 129 -0.42 26.56 6.38
N ILE C 130 -1.65 26.94 6.70
CA ILE C 130 -1.89 28.13 7.51
C ILE C 130 -1.42 27.89 8.96
N ARG C 131 -1.50 26.65 9.41
CA ARG C 131 -1.05 26.33 10.76
C ARG C 131 0.46 26.38 10.78
N ARG C 132 1.07 26.16 9.63
CA ARG C 132 2.52 26.19 9.54
C ARG C 132 3.02 27.61 9.42
N LEU C 133 2.28 28.42 8.66
CA LEU C 133 2.64 29.82 8.46
C LEU C 133 2.58 30.61 9.75
N ASN C 134 1.63 30.24 10.61
CA ASN C 134 1.42 30.92 11.88
C ASN C 134 2.34 30.44 12.99
N ASP C 135 2.87 29.22 12.86
CA ASP C 135 3.76 28.70 13.89
C ASP C 135 4.97 29.61 14.03
N GLU C 136 5.31 29.91 15.29
CA GLU C 136 6.43 30.79 15.63
C GLU C 136 7.79 30.15 15.34
N THR C 137 8.13 29.11 16.10
CA THR C 137 9.42 28.44 15.94
C THR C 137 9.61 27.63 14.65
N ARG C 138 8.71 27.77 13.69
CA ARG C 138 8.82 27.03 12.42
C ARG C 138 9.27 27.94 11.28
N ASN C 139 8.31 28.43 10.51
CA ASN C 139 8.59 29.33 9.38
C ASN C 139 9.86 28.95 8.61
N ARG C 140 9.77 27.91 7.80
CA ARG C 140 10.90 27.43 7.02
C ARG C 140 10.41 26.62 5.81
N ASP C 141 11.27 26.49 4.80
CA ASP C 141 10.93 25.76 3.57
C ASP C 141 9.78 26.48 2.88
N LEU C 142 9.18 25.84 1.88
CA LEU C 142 8.06 26.42 1.15
C LEU C 142 7.17 25.33 0.53
N GLU C 143 6.54 24.53 1.39
CA GLU C 143 5.67 23.45 0.90
C GLU C 143 4.31 23.98 0.47
N THR C 144 3.79 23.39 -0.60
CA THR C 144 2.51 23.77 -1.16
C THR C 144 1.42 22.86 -0.61
N THR C 145 0.18 23.30 -0.74
CA THR C 145 -0.92 22.51 -0.23
C THR C 145 -0.92 21.17 -0.97
N ALA C 146 -0.65 21.19 -2.27
CA ALA C 146 -0.63 19.95 -3.05
C ALA C 146 0.42 19.02 -2.48
N GLY C 147 1.49 19.59 -1.96
CA GLY C 147 2.56 18.79 -1.41
C GLY C 147 2.07 18.13 -0.14
N ILE C 148 1.40 18.91 0.68
CA ILE C 148 0.88 18.41 1.94
C ILE C 148 -0.13 17.31 1.62
N GLU C 149 -0.96 17.55 0.62
CA GLU C 149 -1.95 16.56 0.27
C GLU C 149 -1.31 15.34 -0.34
N GLU C 150 -0.12 15.52 -0.91
CA GLU C 150 0.60 14.41 -1.50
C GLU C 150 1.08 13.54 -0.36
N HIS C 151 1.61 14.20 0.66
CA HIS C 151 2.11 13.49 1.83
C HIS C 151 0.99 12.73 2.51
N GLN C 152 -0.19 13.32 2.58
CA GLN C 152 -1.31 12.64 3.22
C GLN C 152 -1.80 11.47 2.38
N ILE C 153 -1.68 11.58 1.06
CA ILE C 153 -2.09 10.51 0.18
C ILE C 153 -1.16 9.32 0.44
N MET C 154 0.14 9.60 0.53
CA MET C 154 1.14 8.56 0.77
C MET C 154 1.08 7.97 2.18
N ASN C 155 0.77 8.80 3.17
CA ASN C 155 0.67 8.30 4.54
C ASN C 155 -0.49 7.32 4.65
N ARG C 156 -1.57 7.60 3.91
CA ARG C 156 -2.74 6.74 3.91
C ARG C 156 -2.33 5.39 3.38
N ALA C 157 -1.66 5.40 2.23
CA ALA C 157 -1.20 4.17 1.62
C ALA C 157 -0.26 3.42 2.58
N ALA C 158 0.71 4.14 3.14
CA ALA C 158 1.67 3.54 4.06
C ALA C 158 0.93 2.90 5.21
N ALA C 159 0.02 3.67 5.80
CA ALA C 159 -0.76 3.20 6.93
C ALA C 159 -1.44 1.87 6.62
N MET C 160 -2.17 1.86 5.50
CA MET C 160 -2.91 0.68 5.06
C MET C 160 -2.00 -0.53 4.94
N THR C 161 -0.80 -0.33 4.42
CA THR C 161 0.15 -1.45 4.29
C THR C 161 0.49 -2.00 5.67
N TYR C 162 0.71 -1.10 6.63
CA TYR C 162 1.03 -1.53 8.00
C TYR C 162 -0.12 -2.42 8.49
N GLY C 163 -1.36 -1.96 8.26
CA GLY C 163 -2.52 -2.72 8.67
C GLY C 163 -2.57 -4.10 8.04
N VAL C 164 -2.19 -4.19 6.78
CA VAL C 164 -2.21 -5.46 6.07
C VAL C 164 -1.07 -6.34 6.59
N LEU C 165 0.02 -5.72 7.01
CA LEU C 165 1.17 -6.46 7.51
C LEU C 165 1.04 -6.93 8.96
N THR C 166 0.00 -6.46 9.65
CA THR C 166 -0.18 -6.83 11.05
C THR C 166 -1.61 -7.15 11.42
N GLY C 167 -2.54 -6.88 10.51
CA GLY C 167 -3.94 -7.14 10.79
C GLY C 167 -4.56 -6.00 11.55
N ALA C 168 -3.76 -4.96 11.79
CA ALA C 168 -4.17 -3.75 12.50
C ALA C 168 -5.16 -2.88 11.73
N THR C 169 -6.14 -2.33 12.43
CA THR C 169 -7.14 -1.47 11.79
C THR C 169 -6.54 -0.10 11.53
N VAL C 170 -6.94 0.52 10.43
CA VAL C 170 -6.44 1.85 10.06
C VAL C 170 -7.59 2.87 10.15
N LYS C 171 -7.53 3.75 11.15
CA LYS C 171 -8.57 4.75 11.39
C LYS C 171 -8.12 6.17 11.05
N ILE C 172 -8.89 6.82 10.18
CA ILE C 172 -8.61 8.19 9.75
C ILE C 172 -9.54 9.15 10.48
N ILE C 173 -8.96 10.01 11.30
CA ILE C 173 -9.69 11.01 12.07
C ILE C 173 -9.42 12.40 11.48
N GLN C 174 -10.47 13.15 11.18
CA GLN C 174 -10.27 14.49 10.62
C GLN C 174 -10.15 15.53 11.75
N ASN C 175 -8.98 16.16 11.88
CA ASN C 175 -8.82 17.18 12.91
C ASN C 175 -8.80 18.52 12.20
N LYS C 176 -9.98 19.08 12.00
CA LYS C 176 -10.11 20.35 11.30
C LYS C 176 -10.31 21.55 12.24
N ASN C 177 -9.96 22.73 11.75
CA ASN C 177 -10.07 23.96 12.52
C ASN C 177 -11.43 24.20 13.18
N ASN C 178 -11.38 24.61 14.45
CA ASN C 178 -12.58 24.88 15.24
C ASN C 178 -13.43 23.64 15.43
N LEU C 179 -12.82 22.46 15.27
CA LEU C 179 -13.55 21.21 15.43
C LEU C 179 -12.65 20.22 16.16
N LEU C 180 -11.71 20.77 16.90
CA LEU C 180 -10.76 20.00 17.70
C LEU C 180 -11.45 19.00 18.62
N ASP C 181 -12.51 19.45 19.29
CA ASP C 181 -13.22 18.58 20.22
C ASP C 181 -13.90 17.37 19.58
N TYR C 182 -14.24 17.45 18.31
CA TYR C 182 -14.88 16.32 17.65
C TYR C 182 -13.82 15.28 17.35
N ALA C 183 -12.63 15.76 17.01
CA ALA C 183 -11.52 14.88 16.71
C ALA C 183 -11.05 14.16 17.98
N VAL C 184 -10.99 14.87 19.09
CA VAL C 184 -10.56 14.28 20.36
C VAL C 184 -11.51 13.17 20.77
N GLU C 185 -12.81 13.47 20.71
CA GLU C 185 -13.82 12.51 21.09
C GLU C 185 -13.75 11.29 20.19
N GLU C 186 -13.48 11.51 18.90
CA GLU C 186 -13.37 10.43 17.92
C GLU C 186 -12.15 9.57 18.20
N LEU C 187 -11.08 10.19 18.68
CA LEU C 187 -9.85 9.47 19.00
C LEU C 187 -10.06 8.68 20.29
N ILE C 188 -10.80 9.27 21.22
CA ILE C 188 -11.08 8.61 22.48
C ILE C 188 -11.78 7.28 22.24
N SER C 189 -12.87 7.33 21.47
CA SER C 189 -13.66 6.13 21.18
C SER C 189 -12.88 4.94 20.65
N VAL C 190 -11.88 5.17 19.80
CA VAL C 190 -11.11 4.05 19.27
C VAL C 190 -10.13 3.55 20.35
N LEU C 191 -9.72 4.44 21.25
CA LEU C 191 -8.79 4.07 22.32
C LEU C 191 -9.55 3.43 23.48
N ARG C 192 -10.87 3.46 23.41
CA ARG C 192 -11.71 2.86 24.45
C ARG C 192 -11.45 1.36 24.52
#